data_7CVO
#
_entry.id   7CVO
#
_cell.length_a   54.744
_cell.length_b   139.944
_cell.length_c   65.569
_cell.angle_alpha   90.000
_cell.angle_beta   108.380
_cell.angle_gamma   90.000
#
_symmetry.space_group_name_H-M   'P 1 21 1'
#
loop_
_entity.id
_entity.type
_entity.pdbx_description
1 polymer 'Chimera of Nuclear transcription factor Y subunit C-4 and Zinc finger protein CONSTANS'
2 polymer 'Nuclear transcription factor Y subunit B-3'
3 polymer 'FT CORE2 DNA forward strand'
4 polymer 'FT CORE2 DNA reverse strand'
5 water water
#
loop_
_entity_poly.entity_id
_entity_poly.type
_entity_poly.pdbx_seq_one_letter_code
_entity_poly.pdbx_strand_id
1 'polypeptide(L)'
;NDFKNHQLPLARIKKIMKADEDVRMISAEAPILFAKACELFILELTIRSWLHAEENKRRTLQKNDIAAAITRTDIFDFLV
DIVPRGSGSGSGSGSGSDPASQMITVTQLSPMDREARVLRYREKRKTRKFEKTIRYASRKAYAEIRPRVNGRFAKREIEA
EEQGF
;
A,F
2 'polypeptide(L)'
;STREQDRFLPIANVSRIMKKALPANAKISKDAKETVQECVSEFISFITGEASDKCQREKRKTINGDDLLWAMTTLGFEDY
VEPLKVYLQKYREVEGEKTTTAG
;
B,G
3 'polydeoxyribonucleotide'
;(DG)(DA)(DA)(DA)(DA)(DA)(DG)(DA)(DT)(DT)(DG)(DT)(DG)(DG)(DT)(DT)(DA)(DT)(DG)(DA)
(DT)(DT)(DT)(DC)(DC)
;
D
4 'polydeoxyribonucleotide'
;(DC)(DG)(DG)(DA)(DA)(DA)(DT)(DC)(DA)(DT)(DA)(DA)(DC)(DC)(DA)(DC)(DA)(DA)(DT)(DC)
(DT)(DT)(DT)(DT)(DT)
;
E
#
# COMPACT_ATOMS: atom_id res chain seq x y z
N HIS A 6 -2.96 -27.10 15.16
CA HIS A 6 -2.46 -25.76 14.85
C HIS A 6 -3.04 -24.68 15.75
N GLN A 7 -2.31 -23.61 15.91
CA GLN A 7 -2.79 -22.50 16.71
C GLN A 7 -3.54 -21.48 15.86
N LEU A 8 -3.61 -21.70 14.54
CA LEU A 8 -4.48 -20.86 13.74
C LEU A 8 -5.15 -21.71 12.68
N PRO A 9 -6.44 -21.49 12.44
CA PRO A 9 -7.22 -22.38 11.56
C PRO A 9 -6.81 -22.25 10.10
N LEU A 10 -6.44 -23.39 9.51
CA LEU A 10 -5.93 -23.40 8.14
C LEU A 10 -6.98 -22.90 7.13
N ALA A 11 -8.21 -23.40 7.22
CA ALA A 11 -9.25 -23.04 6.26
C ALA A 11 -9.44 -21.54 6.22
N ARG A 12 -9.42 -20.90 7.38
CA ARG A 12 -9.64 -19.46 7.44
C ARG A 12 -8.48 -18.67 6.81
N ILE A 13 -7.26 -19.20 6.91
CA ILE A 13 -6.12 -18.62 6.21
C ILE A 13 -6.34 -18.68 4.69
N LYS A 14 -6.67 -19.88 4.18
CA LYS A 14 -7.00 -20.07 2.76
C LYS A 14 -8.06 -19.09 2.27
N LYS A 15 -9.11 -18.90 3.08
CA LYS A 15 -10.14 -17.93 2.74
C LYS A 15 -9.54 -16.55 2.47
N ILE A 16 -8.75 -16.05 3.42
CA ILE A 16 -8.16 -14.72 3.24
C ILE A 16 -7.24 -14.69 2.03
N MET A 17 -6.42 -15.74 1.84
CA MET A 17 -5.58 -15.81 0.65
C MET A 17 -6.43 -15.71 -0.62
N LYS A 18 -7.50 -16.49 -0.70
CA LYS A 18 -8.32 -16.56 -1.92
C LYS A 18 -9.15 -15.30 -2.17
N ALA A 19 -9.22 -14.36 -1.23
CA ALA A 19 -9.88 -13.08 -1.52
C ALA A 19 -9.16 -12.28 -2.59
N ASP A 20 -7.97 -12.69 -2.99
CA ASP A 20 -7.31 -12.12 -4.12
C ASP A 20 -7.77 -12.92 -5.35
N GLU A 21 -8.42 -12.24 -6.29
CA GLU A 21 -8.99 -12.94 -7.44
C GLU A 21 -7.92 -13.61 -8.29
N ASP A 22 -6.69 -13.07 -8.29
CA ASP A 22 -5.64 -13.69 -9.10
C ASP A 22 -5.12 -15.00 -8.53
N VAL A 23 -5.45 -15.35 -7.29
CA VAL A 23 -5.02 -16.62 -6.72
C VAL A 23 -5.82 -17.76 -7.35
N ARG A 24 -5.14 -18.80 -7.82
CA ARG A 24 -5.85 -19.98 -8.33
C ARG A 24 -5.85 -21.12 -7.33
N MET A 25 -4.77 -21.88 -7.30
CA MET A 25 -4.67 -22.98 -6.35
C MET A 25 -3.61 -22.65 -5.32
N ILE A 26 -3.69 -23.36 -4.18
CA ILE A 26 -2.81 -23.13 -3.04
C ILE A 26 -2.27 -24.47 -2.59
N SER A 27 -0.96 -24.57 -2.43
CA SER A 27 -0.37 -25.82 -2.02
C SER A 27 -0.74 -26.10 -0.57
N ALA A 28 -0.67 -27.36 -0.20
CA ALA A 28 -1.07 -27.67 1.17
C ALA A 28 -0.11 -27.09 2.21
N GLU A 29 1.16 -26.88 1.83
CA GLU A 29 2.09 -26.24 2.75
C GLU A 29 1.75 -24.79 3.00
N ALA A 30 1.29 -24.07 1.98
CA ALA A 30 1.19 -22.63 2.11
C ALA A 30 0.42 -22.24 3.36
N PRO A 31 -0.82 -22.68 3.56
CA PRO A 31 -1.50 -22.29 4.81
C PRO A 31 -0.75 -22.69 6.06
N ILE A 32 -0.15 -23.89 6.06
CA ILE A 32 0.62 -24.36 7.20
C ILE A 32 1.77 -23.41 7.48
N LEU A 33 2.48 -23.02 6.43
CA LEU A 33 3.56 -22.06 6.62
C LEU A 33 3.02 -20.74 7.17
N PHE A 34 1.91 -20.27 6.62
CA PHE A 34 1.35 -18.98 6.99
C PHE A 34 0.93 -18.94 8.45
N ALA A 35 0.26 -20.00 8.91
CA ALA A 35 -0.12 -20.06 10.31
C ALA A 35 1.05 -19.76 11.23
N LYS A 36 2.22 -20.31 10.91
CA LYS A 36 3.41 -20.04 11.70
C LYS A 36 3.92 -18.61 11.48
N ALA A 37 3.84 -18.11 10.24
CA ALA A 37 4.29 -16.74 9.98
C ALA A 37 3.38 -15.72 10.62
N CYS A 38 2.06 -15.98 10.64
CA CYS A 38 1.15 -15.07 11.34
C CYS A 38 1.49 -15.03 12.82
N GLU A 39 1.77 -16.20 13.40
CA GLU A 39 2.23 -16.26 14.79
C GLU A 39 3.43 -15.34 15.02
N LEU A 40 4.49 -15.48 14.22
CA LEU A 40 5.63 -14.59 14.43
C LEU A 40 5.24 -13.13 14.25
N PHE A 41 4.36 -12.84 13.28
CA PHE A 41 3.95 -11.47 13.03
C PHE A 41 3.20 -10.91 14.23
N ILE A 42 2.36 -11.73 14.85
CA ILE A 42 1.63 -11.29 16.04
C ILE A 42 2.59 -11.04 17.19
N LEU A 43 3.53 -11.96 17.40
CA LEU A 43 4.50 -11.77 18.48
C LEU A 43 5.29 -10.48 18.28
N GLU A 44 5.81 -10.27 17.07
CA GLU A 44 6.58 -9.05 16.85
C GLU A 44 5.72 -7.79 17.03
N LEU A 45 4.53 -7.77 16.42
CA LEU A 45 3.64 -6.62 16.55
C LEU A 45 3.30 -6.36 17.99
N THR A 46 3.01 -7.43 18.74
CA THR A 46 2.65 -7.23 20.14
C THR A 46 3.85 -6.77 20.95
N ILE A 47 5.02 -7.39 20.73
CA ILE A 47 6.22 -7.00 21.48
C ILE A 47 6.43 -5.50 21.39
N ARG A 48 6.41 -4.97 20.17
CA ARG A 48 6.75 -3.56 19.99
C ARG A 48 5.63 -2.66 20.50
N SER A 49 4.38 -3.12 20.42
CA SER A 49 3.28 -2.33 20.99
C SER A 49 3.40 -2.24 22.50
N TRP A 50 3.86 -3.31 23.15
CA TRP A 50 3.95 -3.29 24.59
C TRP A 50 4.97 -2.26 25.08
N LEU A 51 6.02 -2.01 24.31
CA LEU A 51 6.93 -0.89 24.56
C LEU A 51 6.18 0.41 24.77
N HIS A 52 5.28 0.75 23.85
CA HIS A 52 4.58 2.02 23.95
C HIS A 52 3.70 2.07 25.19
N ALA A 53 3.06 0.94 25.52
CA ALA A 53 2.30 0.89 26.76
C ALA A 53 3.21 1.13 27.97
N GLU A 54 4.43 0.63 27.93
CA GLU A 54 5.31 0.83 29.08
C GLU A 54 5.74 2.29 29.19
N GLU A 55 6.23 2.86 28.10
CA GLU A 55 6.52 4.28 28.04
C GLU A 55 5.38 5.13 28.61
N ASN A 56 4.14 4.68 28.51
CA ASN A 56 3.00 5.42 29.04
C ASN A 56 2.52 4.86 30.37
N LYS A 57 3.35 4.07 31.05
CA LYS A 57 3.11 3.69 32.43
C LYS A 57 1.76 3.01 32.60
N ARG A 58 1.41 2.13 31.65
CA ARG A 58 0.15 1.39 31.67
C ARG A 58 0.40 -0.10 31.80
N ARG A 59 -0.61 -0.81 32.31
CA ARG A 59 -0.61 -2.27 32.32
C ARG A 59 -1.47 -2.88 31.22
N THR A 60 -2.20 -2.06 30.46
CA THR A 60 -3.16 -2.54 29.49
C THR A 60 -2.68 -2.17 28.11
N LEU A 61 -2.72 -3.13 27.20
CA LEU A 61 -2.32 -2.87 25.83
C LEU A 61 -3.52 -2.32 25.11
N GLN A 62 -3.30 -1.25 24.31
CA GLN A 62 -4.39 -0.46 23.75
C GLN A 62 -4.15 -0.22 22.26
N LYS A 63 -5.25 0.08 21.56
CA LYS A 63 -5.17 0.35 20.13
C LYS A 63 -4.04 1.32 19.81
N ASN A 64 -3.92 2.39 20.59
CA ASN A 64 -2.93 3.38 20.25
C ASN A 64 -1.51 2.85 20.43
N ASP A 65 -1.31 1.83 21.25
CA ASP A 65 -0.02 1.14 21.28
C ASP A 65 0.26 0.40 19.97
N ILE A 66 -0.71 -0.33 19.43
CA ILE A 66 -0.52 -0.99 18.13
C ILE A 66 -0.17 0.05 17.07
N ALA A 67 -0.88 1.18 17.10
CA ALA A 67 -0.63 2.25 16.13
C ALA A 67 0.79 2.78 16.25
N ALA A 68 1.28 2.94 17.47
CA ALA A 68 2.63 3.45 17.64
C ALA A 68 3.64 2.47 17.04
N ALA A 69 3.45 1.18 17.28
CA ALA A 69 4.34 0.17 16.72
C ALA A 69 4.31 0.19 15.19
N ILE A 70 3.11 0.25 14.61
CA ILE A 70 3.00 0.39 13.16
C ILE A 70 3.77 1.60 12.66
N THR A 71 3.63 2.74 13.34
CA THR A 71 4.30 3.95 12.85
C THR A 71 5.80 3.85 13.02
N ARG A 72 6.27 3.22 14.10
CA ARG A 72 7.71 3.17 14.35
C ARG A 72 8.42 2.13 13.49
N THR A 73 7.71 1.19 12.92
CA THR A 73 8.32 0.03 12.30
C THR A 73 8.08 0.10 10.82
N ASP A 74 9.15 0.39 10.08
CA ASP A 74 9.08 0.62 8.64
C ASP A 74 8.33 -0.49 7.90
N ILE A 75 8.69 -1.74 8.14
CA ILE A 75 8.06 -2.78 7.35
C ILE A 75 6.61 -3.00 7.73
N PHE A 76 6.07 -2.20 8.62
CA PHE A 76 4.69 -2.29 8.99
C PHE A 76 3.86 -1.22 8.35
N ASP A 77 4.44 -0.50 7.43
CA ASP A 77 3.79 0.61 6.82
C ASP A 77 2.68 0.26 5.87
N PHE A 78 2.60 -0.98 5.48
CA PHE A 78 1.48 -1.47 4.74
C PHE A 78 0.25 -1.43 5.57
N LEU A 79 0.40 -1.27 6.85
CA LEU A 79 -0.68 -1.24 7.76
C LEU A 79 -1.18 0.10 8.19
N VAL A 80 -0.74 1.15 7.58
CA VAL A 80 -1.09 2.49 7.97
C VAL A 80 -2.57 2.81 7.88
N ASP A 81 -3.32 2.08 7.10
CA ASP A 81 -4.75 2.34 6.94
C ASP A 81 -5.58 1.88 8.12
N ILE A 82 -5.09 0.90 8.89
CA ILE A 82 -5.89 0.34 9.97
C ILE A 82 -5.95 1.28 11.15
N VAL A 83 -5.02 2.20 11.23
CA VAL A 83 -4.90 3.10 12.36
C VAL A 83 -4.84 4.52 11.79
N PRO A 84 -5.96 5.07 11.32
CA PRO A 84 -5.92 6.38 10.67
C PRO A 84 -5.64 7.51 11.64
N ARG A 85 -5.39 8.69 11.07
CA ARG A 85 -5.13 9.92 11.83
C ARG A 85 -3.96 9.78 12.80
N VAL A 106 17.88 -14.11 -2.85
CA VAL A 106 16.82 -13.14 -2.75
C VAL A 106 17.14 -12.05 -1.76
N THR A 107 16.85 -10.82 -2.14
CA THR A 107 17.11 -9.73 -1.24
C THR A 107 15.92 -8.87 -1.00
N GLN A 108 15.98 -8.20 0.13
CA GLN A 108 14.98 -7.26 0.53
C GLN A 108 14.97 -6.13 -0.47
N LEU A 109 13.80 -5.62 -0.75
CA LEU A 109 13.67 -4.51 -1.66
C LEU A 109 14.23 -3.28 -1.00
N SER A 110 14.78 -2.40 -1.84
CA SER A 110 15.28 -1.10 -1.40
C SER A 110 14.09 -0.30 -0.90
N PRO A 111 14.33 0.51 0.13
CA PRO A 111 13.20 1.07 0.88
C PRO A 111 12.21 1.67 -0.11
N MET A 112 12.76 2.30 -1.15
CA MET A 112 11.96 2.89 -2.19
C MET A 112 11.25 1.85 -3.06
N ASP A 113 11.91 0.77 -3.43
CA ASP A 113 11.25 -0.26 -4.21
C ASP A 113 10.14 -0.89 -3.43
N ARG A 114 10.41 -1.12 -2.16
CA ARG A 114 9.44 -1.70 -1.29
C ARG A 114 8.31 -0.73 -1.12
N GLU A 115 8.62 0.53 -1.01
CA GLU A 115 7.56 1.53 -0.92
C GLU A 115 6.56 1.46 -2.06
N ALA A 116 6.99 1.20 -3.25
CA ALA A 116 6.09 1.14 -4.39
C ALA A 116 5.18 -0.08 -4.27
N ARG A 117 5.71 -1.19 -3.78
CA ARG A 117 4.85 -2.35 -3.61
C ARG A 117 3.82 -2.15 -2.51
N VAL A 118 4.15 -1.40 -1.46
CA VAL A 118 3.16 -1.08 -0.45
C VAL A 118 2.07 -0.21 -1.04
N LEU A 119 2.45 0.78 -1.86
CA LEU A 119 1.44 1.63 -2.48
C LEU A 119 0.55 0.84 -3.45
N ARG A 120 1.13 -0.04 -4.26
CA ARG A 120 0.27 -0.85 -5.10
C ARG A 120 -0.64 -1.76 -4.28
N TYR A 121 -0.15 -2.23 -3.12
CA TYR A 121 -1.00 -3.06 -2.25
C TYR A 121 -2.18 -2.26 -1.72
N ARG A 122 -1.93 -1.04 -1.26
CA ARG A 122 -3.03 -0.21 -0.78
C ARG A 122 -3.98 0.21 -1.91
N GLU A 123 -3.46 0.31 -3.13
CA GLU A 123 -4.31 0.52 -4.31
C GLU A 123 -5.27 -0.64 -4.58
N LYS A 124 -4.78 -1.88 -4.43
CA LYS A 124 -5.56 -3.08 -4.71
C LYS A 124 -6.51 -3.47 -3.59
N ARG A 125 -6.38 -2.85 -2.42
CA ARG A 125 -6.96 -3.40 -1.19
C ARG A 125 -8.48 -3.44 -1.25
N LYS A 126 -9.10 -2.44 -1.87
CA LYS A 126 -10.56 -2.40 -1.92
C LYS A 126 -11.12 -3.52 -2.77
N THR A 127 -10.44 -3.90 -3.85
CA THR A 127 -10.95 -4.92 -4.76
C THR A 127 -11.08 -6.31 -4.13
N ARG A 128 -10.66 -6.50 -2.86
CA ARG A 128 -10.68 -7.82 -2.23
C ARG A 128 -12.11 -8.23 -1.86
N LYS A 129 -12.50 -9.42 -2.30
CA LYS A 129 -13.84 -9.95 -2.03
C LYS A 129 -13.71 -11.23 -1.21
N PHE A 130 -14.32 -11.23 -0.02
CA PHE A 130 -14.22 -12.34 0.92
C PHE A 130 -15.45 -13.27 0.87
N GLU A 131 -16.29 -13.14 -0.13
CA GLU A 131 -17.39 -14.07 -0.32
C GLU A 131 -16.84 -15.35 -0.97
N LYS A 132 -17.56 -16.45 -0.76
CA LYS A 132 -17.15 -17.70 -1.38
C LYS A 132 -17.29 -17.60 -2.89
N THR A 133 -16.24 -17.99 -3.61
CA THR A 133 -16.28 -18.08 -5.06
C THR A 133 -15.83 -19.48 -5.47
N ILE A 134 -16.50 -20.05 -6.45
CA ILE A 134 -16.13 -21.34 -6.98
C ILE A 134 -15.18 -21.11 -8.15
N ARG A 135 -14.00 -21.73 -8.09
CA ARG A 135 -12.98 -21.54 -9.11
C ARG A 135 -12.86 -22.70 -10.07
N TYR A 136 -13.36 -23.89 -9.73
CA TYR A 136 -13.23 -25.07 -10.60
C TYR A 136 -14.56 -25.83 -10.59
N ALA A 137 -15.40 -25.55 -11.58
CA ALA A 137 -16.79 -26.00 -11.49
C ALA A 137 -16.91 -27.51 -11.71
N SER A 138 -16.11 -28.10 -12.60
CA SER A 138 -16.25 -29.54 -12.74
C SER A 138 -15.85 -30.28 -11.48
N ARG A 139 -14.99 -29.70 -10.64
CA ARG A 139 -14.75 -30.29 -9.32
C ARG A 139 -16.02 -30.27 -8.48
N LYS A 140 -16.74 -29.14 -8.50
CA LYS A 140 -17.97 -29.07 -7.73
C LYS A 140 -18.99 -30.04 -8.27
N ALA A 141 -18.99 -30.25 -9.59
CA ALA A 141 -19.90 -31.22 -10.20
C ALA A 141 -19.64 -32.62 -9.64
N TYR A 142 -18.38 -33.03 -9.60
CA TYR A 142 -18.07 -34.38 -9.12
C TYR A 142 -18.29 -34.50 -7.61
N ALA A 143 -18.06 -33.43 -6.86
CA ALA A 143 -18.20 -33.50 -5.41
C ALA A 143 -19.65 -33.62 -4.98
N GLU A 144 -20.58 -33.10 -5.77
CA GLU A 144 -22.00 -33.16 -5.45
C GLU A 144 -22.69 -34.41 -5.99
N ILE A 145 -21.95 -35.31 -6.63
CA ILE A 145 -22.50 -36.52 -7.21
C ILE A 145 -21.94 -37.78 -6.59
N ARG A 146 -21.09 -37.64 -5.61
CA ARG A 146 -20.18 -38.69 -5.21
C ARG A 146 -20.58 -39.27 -3.84
N PRO A 147 -20.17 -40.48 -3.54
CA PRO A 147 -20.55 -41.13 -2.31
C PRO A 147 -19.98 -40.48 -1.11
N ARG A 148 -20.78 -40.33 -0.10
CA ARG A 148 -20.32 -39.86 1.14
C ARG A 148 -20.78 -40.75 2.28
N VAL A 149 -19.85 -41.25 3.05
CA VAL A 149 -20.19 -41.88 4.28
C VAL A 149 -20.15 -40.74 5.23
N ASN A 150 -21.30 -40.30 5.67
CA ASN A 150 -21.39 -39.35 6.74
C ASN A 150 -20.77 -38.02 6.43
N GLY A 151 -20.90 -37.62 5.20
CA GLY A 151 -20.49 -36.33 4.72
C GLY A 151 -19.14 -36.43 4.12
N ARG A 152 -18.46 -37.49 4.41
CA ARG A 152 -17.14 -37.63 4.01
C ARG A 152 -17.05 -38.40 2.75
N PHE A 153 -16.04 -38.13 1.97
CA PHE A 153 -15.90 -38.73 0.70
C PHE A 153 -15.56 -40.14 1.00
N ALA A 154 -16.07 -41.04 0.19
CA ALA A 154 -15.86 -42.44 0.39
C ALA A 154 -15.31 -43.04 -0.86
N LYS A 155 -14.75 -44.22 -0.73
CA LYS A 155 -14.21 -44.97 -1.85
C LYS A 155 -15.22 -45.83 -2.52
N ASP B 6 -16.80 -13.41 6.37
CA ASP B 6 -15.77 -12.97 7.29
C ASP B 6 -14.30 -13.18 6.93
N ARG B 7 -13.56 -12.15 7.23
CA ARG B 7 -12.30 -11.85 6.69
C ARG B 7 -11.21 -11.85 7.68
N PHE B 8 -11.42 -12.41 8.84
CA PHE B 8 -10.47 -12.34 9.89
C PHE B 8 -10.20 -13.67 10.43
N LEU B 9 -9.12 -13.84 11.15
CA LEU B 9 -8.87 -15.05 11.87
C LEU B 9 -9.53 -14.90 13.20
N PRO B 10 -9.82 -15.96 13.92
CA PRO B 10 -10.65 -15.85 15.12
C PRO B 10 -9.93 -15.10 16.24
N ILE B 11 -10.62 -14.11 16.80
CA ILE B 11 -10.01 -13.18 17.76
C ILE B 11 -9.49 -13.90 19.00
N ALA B 12 -10.13 -15.00 19.42
CA ALA B 12 -9.58 -15.78 20.53
C ALA B 12 -8.18 -16.32 20.23
N ASN B 13 -7.95 -16.80 19.02
CA ASN B 13 -6.64 -17.38 18.69
C ASN B 13 -5.58 -16.30 18.62
N VAL B 14 -5.90 -15.18 17.99
CA VAL B 14 -4.99 -14.04 17.97
C VAL B 14 -4.66 -13.61 19.38
N SER B 15 -5.67 -13.56 20.24
CA SER B 15 -5.50 -13.15 21.62
C SER B 15 -4.56 -14.08 22.37
N ARG B 16 -4.68 -15.39 22.14
CA ARG B 16 -3.76 -16.33 22.77
C ARG B 16 -2.32 -16.03 22.39
N ILE B 17 -2.07 -15.75 21.10
CA ILE B 17 -0.69 -15.57 20.66
C ILE B 17 -0.13 -14.27 21.20
N MET B 18 -0.94 -13.23 21.25
CA MET B 18 -0.50 -11.97 21.85
C MET B 18 -0.02 -12.18 23.29
N LYS B 19 -0.76 -12.99 24.06
CA LYS B 19 -0.44 -13.07 25.47
C LYS B 19 0.94 -13.66 25.68
N LYS B 20 1.36 -14.54 24.79
CA LYS B 20 2.68 -15.14 24.83
C LYS B 20 3.79 -14.13 24.62
N ALA B 21 3.50 -12.95 24.06
CA ALA B 21 4.52 -11.92 23.94
C ALA B 21 4.49 -10.92 25.08
N LEU B 22 3.58 -11.05 26.02
CA LEU B 22 3.39 -10.08 27.06
C LEU B 22 3.75 -10.66 28.43
N PRO B 23 3.95 -9.83 29.41
CA PRO B 23 4.11 -10.29 30.77
C PRO B 23 2.82 -10.77 31.36
N ALA B 24 2.90 -11.50 32.44
CA ALA B 24 1.77 -12.11 33.07
C ALA B 24 0.82 -11.09 33.60
N ASN B 25 1.38 -10.00 34.02
CA ASN B 25 0.67 -8.88 34.51
C ASN B 25 -0.27 -8.42 33.43
N ALA B 26 0.16 -8.41 32.20
CA ALA B 26 -0.42 -7.55 31.24
C ALA B 26 -1.82 -7.84 30.93
N LYS B 27 -2.54 -6.83 30.52
CA LYS B 27 -3.90 -6.95 30.09
C LYS B 27 -4.04 -6.41 28.69
N ILE B 28 -4.99 -6.94 27.95
CA ILE B 28 -5.25 -6.50 26.60
C ILE B 28 -6.65 -6.03 26.33
N SER B 29 -6.81 -4.79 25.91
CA SER B 29 -8.11 -4.20 25.62
C SER B 29 -8.79 -4.89 24.45
N LYS B 30 -10.11 -4.67 24.36
CA LYS B 30 -10.87 -5.19 23.21
C LYS B 30 -10.36 -4.61 21.91
N ASP B 31 -10.16 -3.29 21.86
CA ASP B 31 -9.74 -2.64 20.62
C ASP B 31 -8.32 -3.04 20.23
N ALA B 32 -7.47 -3.41 21.18
CA ALA B 32 -6.14 -3.85 20.78
C ALA B 32 -6.20 -5.22 20.12
N LYS B 33 -7.06 -6.12 20.63
CA LYS B 33 -7.29 -7.41 19.98
C LYS B 33 -7.85 -7.21 18.58
N GLU B 34 -8.80 -6.30 18.44
CA GLU B 34 -9.43 -6.14 17.14
C GLU B 34 -8.44 -5.60 16.14
N THR B 35 -7.62 -4.65 16.59
CA THR B 35 -6.62 -4.07 15.69
C THR B 35 -5.63 -5.12 15.22
N VAL B 36 -5.10 -5.93 16.15
CA VAL B 36 -4.14 -6.95 15.76
C VAL B 36 -4.79 -7.95 14.80
N GLN B 37 -5.97 -8.44 15.17
CA GLN B 37 -6.74 -9.30 14.26
C GLN B 37 -6.84 -8.72 12.85
N GLU B 38 -7.08 -7.41 12.72
CA GLU B 38 -7.18 -6.87 11.38
C GLU B 38 -5.80 -6.81 10.70
N CYS B 39 -4.76 -6.52 11.48
CA CYS B 39 -3.42 -6.46 10.91
C CYS B 39 -2.97 -7.82 10.39
N VAL B 40 -3.31 -8.91 11.10
CA VAL B 40 -2.88 -10.24 10.64
C VAL B 40 -3.49 -10.54 9.28
N SER B 41 -4.74 -10.16 9.09
CA SER B 41 -5.38 -10.41 7.81
C SER B 41 -4.69 -9.63 6.70
N GLU B 42 -4.32 -8.37 6.99
CA GLU B 42 -3.58 -7.57 6.02
C GLU B 42 -2.22 -8.18 5.69
N PHE B 43 -1.51 -8.70 6.72
CA PHE B 43 -0.27 -9.43 6.50
C PHE B 43 -0.45 -10.55 5.48
N ILE B 44 -1.50 -11.37 5.66
CA ILE B 44 -1.73 -12.47 4.73
C ILE B 44 -1.96 -11.95 3.32
N SER B 45 -2.84 -10.96 3.19
CA SER B 45 -3.15 -10.38 1.89
C SER B 45 -1.91 -9.77 1.23
N PHE B 46 -1.13 -9.01 2.00
CA PHE B 46 0.09 -8.41 1.50
C PHE B 46 1.06 -9.49 1.01
N ILE B 47 1.33 -10.50 1.84
CA ILE B 47 2.24 -11.55 1.40
C ILE B 47 1.65 -12.29 0.21
N THR B 48 0.36 -12.63 0.30
CA THR B 48 -0.22 -13.49 -0.72
C THR B 48 -0.25 -12.79 -2.06
N GLY B 49 -0.54 -11.49 -2.09
CA GLY B 49 -0.56 -10.78 -3.35
C GLY B 49 0.79 -10.80 -4.04
N GLU B 50 1.86 -10.62 -3.25
CA GLU B 50 3.19 -10.61 -3.84
C GLU B 50 3.61 -11.99 -4.30
N ALA B 51 3.25 -13.02 -3.55
CA ALA B 51 3.53 -14.38 -4.00
C ALA B 51 2.69 -14.72 -5.22
N SER B 52 1.48 -14.21 -5.28
CA SER B 52 0.63 -14.50 -6.43
C SER B 52 1.23 -13.92 -7.71
N ASP B 53 1.83 -12.72 -7.62
CA ASP B 53 2.51 -12.12 -8.79
C ASP B 53 3.70 -12.94 -9.24
N LYS B 54 4.52 -13.42 -8.30
CA LYS B 54 5.66 -14.25 -8.68
C LYS B 54 5.19 -15.49 -9.43
N CYS B 55 4.01 -16.00 -9.09
CA CYS B 55 3.50 -17.20 -9.76
C CYS B 55 3.06 -16.88 -11.19
N GLN B 56 2.29 -15.81 -11.37
CA GLN B 56 1.91 -15.38 -12.72
C GLN B 56 3.14 -15.17 -13.59
N ARG B 57 4.13 -14.41 -13.11
CA ARG B 57 5.32 -14.16 -13.90
C ARG B 57 6.00 -15.45 -14.33
N GLU B 58 5.99 -16.48 -13.49
CA GLU B 58 6.58 -17.75 -13.83
C GLU B 58 5.56 -18.70 -14.46
N LYS B 59 4.42 -18.15 -14.88
CA LYS B 59 3.37 -18.88 -15.58
C LYS B 59 2.97 -20.16 -14.83
N ARG B 60 2.97 -20.09 -13.51
CA ARG B 60 2.48 -21.17 -12.66
C ARG B 60 1.14 -20.79 -12.03
N LYS B 61 0.40 -21.80 -11.60
CA LYS B 61 -0.94 -21.55 -11.11
C LYS B 61 -1.14 -21.94 -9.65
N THR B 62 -0.19 -22.65 -9.03
CA THR B 62 -0.28 -23.06 -7.63
C THR B 62 0.71 -22.26 -6.79
N ILE B 63 0.20 -21.47 -5.83
CA ILE B 63 1.06 -20.77 -4.87
C ILE B 63 1.63 -21.76 -3.88
N ASN B 64 2.96 -21.84 -3.81
CA ASN B 64 3.59 -22.79 -2.92
C ASN B 64 4.38 -22.08 -1.83
N GLY B 65 4.87 -22.88 -0.89
CA GLY B 65 5.59 -22.35 0.25
C GLY B 65 6.79 -21.51 -0.13
N ASP B 66 7.49 -21.88 -1.20
CA ASP B 66 8.65 -21.07 -1.56
C ASP B 66 8.23 -19.72 -2.15
N ASP B 67 7.03 -19.64 -2.71
CA ASP B 67 6.51 -18.35 -3.14
C ASP B 67 6.26 -17.42 -1.94
N LEU B 68 5.64 -17.94 -0.86
CA LEU B 68 5.50 -17.19 0.37
C LEU B 68 6.84 -16.74 0.91
N LEU B 69 7.79 -17.67 1.00
CA LEU B 69 9.05 -17.30 1.60
C LEU B 69 9.73 -16.24 0.77
N TRP B 70 9.63 -16.35 -0.56
CA TRP B 70 10.23 -15.35 -1.45
C TRP B 70 9.61 -13.97 -1.24
N ALA B 71 8.28 -13.91 -1.13
CA ALA B 71 7.61 -12.65 -0.83
C ALA B 71 8.03 -12.09 0.53
N MET B 72 8.20 -12.95 1.53
CA MET B 72 8.52 -12.43 2.85
C MET B 72 9.88 -11.73 2.82
N THR B 73 10.87 -12.37 2.23
CA THR B 73 12.18 -11.72 2.07
C THR B 73 12.02 -10.42 1.31
N THR B 74 11.30 -10.46 0.20
CA THR B 74 11.14 -9.28 -0.62
C THR B 74 10.53 -8.14 0.17
N LEU B 75 9.45 -8.41 0.89
CA LEU B 75 8.77 -7.31 1.57
C LEU B 75 9.37 -6.97 2.94
N GLY B 76 10.47 -7.59 3.33
CA GLY B 76 11.16 -7.19 4.55
C GLY B 76 10.92 -8.04 5.78
N PHE B 77 10.35 -9.22 5.62
CA PHE B 77 10.12 -10.11 6.76
C PHE B 77 11.17 -11.20 6.80
N GLU B 78 12.37 -10.88 6.37
CA GLU B 78 13.46 -11.85 6.29
C GLU B 78 13.65 -12.59 7.59
N ASP B 79 13.48 -11.89 8.71
CA ASP B 79 13.70 -12.49 10.01
C ASP B 79 12.79 -13.69 10.26
N TYR B 80 11.73 -13.88 9.49
CA TYR B 80 10.90 -15.04 9.69
C TYR B 80 11.37 -16.22 8.86
N VAL B 81 12.14 -15.97 7.82
CA VAL B 81 12.33 -16.98 6.78
C VAL B 81 13.08 -18.18 7.34
N GLU B 82 14.22 -17.95 8.00
CA GLU B 82 14.98 -19.08 8.52
C GLU B 82 14.17 -19.92 9.51
N PRO B 83 13.49 -19.35 10.50
CA PRO B 83 12.66 -20.19 11.37
C PRO B 83 11.57 -20.94 10.61
N LEU B 84 10.96 -20.31 9.60
CA LEU B 84 9.90 -20.97 8.84
C LEU B 84 10.40 -22.20 8.08
N LYS B 85 11.55 -22.09 7.40
CA LYS B 85 12.11 -23.25 6.71
C LYS B 85 12.37 -24.40 7.68
N VAL B 86 12.92 -24.10 8.85
CA VAL B 86 13.05 -25.13 9.87
C VAL B 86 11.68 -25.67 10.26
N TYR B 87 10.72 -24.77 10.44
CA TYR B 87 9.38 -25.19 10.80
C TYR B 87 8.78 -26.09 9.73
N LEU B 88 8.96 -25.73 8.46
CA LEU B 88 8.55 -26.58 7.35
C LEU B 88 8.96 -28.03 7.60
N GLN B 89 10.27 -28.27 7.64
CA GLN B 89 10.76 -29.64 7.63
C GLN B 89 10.35 -30.39 8.90
N LYS B 90 10.54 -29.76 10.07
CA LYS B 90 10.35 -30.48 11.33
C LYS B 90 8.88 -30.83 11.56
N TYR B 91 7.95 -29.99 11.11
CA TYR B 91 6.54 -30.36 11.12
C TYR B 91 6.28 -31.49 10.15
N ARG B 92 7.00 -31.49 9.02
CA ARG B 92 6.69 -32.30 7.83
C ARG B 92 7.18 -33.74 8.02
N GLU B 93 6.40 -34.52 8.75
CA GLU B 93 6.76 -35.90 9.02
C GLU B 93 5.62 -36.70 9.69
N GLN E 7 14.91 12.76 -1.46
CA GLN E 7 14.00 13.86 -1.51
C GLN E 7 13.80 14.25 -2.95
N LEU E 8 13.11 15.37 -3.14
CA LEU E 8 13.09 16.12 -4.40
C LEU E 8 13.37 17.55 -3.96
N PRO E 9 14.13 18.33 -4.72
CA PRO E 9 14.61 19.58 -4.08
C PRO E 9 13.59 20.55 -3.54
N LEU E 10 13.70 20.89 -2.26
CA LEU E 10 12.73 21.78 -1.63
C LEU E 10 12.58 23.09 -2.39
N ALA E 11 13.69 23.69 -2.83
CA ALA E 11 13.65 25.00 -3.47
C ALA E 11 12.82 24.99 -4.75
N ARG E 12 13.09 24.05 -5.66
CA ARG E 12 12.33 24.13 -6.90
C ARG E 12 10.85 23.80 -6.66
N ILE E 13 10.54 23.03 -5.62
CA ILE E 13 9.15 22.85 -5.23
C ILE E 13 8.53 24.20 -4.84
N LYS E 14 9.20 24.94 -3.95
CA LYS E 14 8.69 26.22 -3.48
C LYS E 14 8.46 27.18 -4.64
N LYS E 15 9.43 27.29 -5.53
CA LYS E 15 9.26 28.07 -6.75
C LYS E 15 8.00 27.67 -7.51
N ILE E 16 7.85 26.38 -7.81
CA ILE E 16 6.69 25.95 -8.58
C ILE E 16 5.41 26.33 -7.85
N MET E 17 5.39 26.16 -6.53
CA MET E 17 4.23 26.54 -5.73
C MET E 17 3.92 28.04 -5.88
N LYS E 18 4.97 28.88 -5.82
CA LYS E 18 4.78 30.32 -5.76
C LYS E 18 4.49 30.93 -7.13
N ALA E 19 4.57 30.13 -8.21
CA ALA E 19 4.23 30.62 -9.54
C ALA E 19 2.75 30.91 -9.71
N ASP E 20 1.96 30.61 -8.73
CA ASP E 20 0.63 30.99 -8.86
C ASP E 20 0.58 32.24 -8.10
N GLU E 21 0.13 33.28 -8.77
CA GLU E 21 0.23 34.61 -8.25
C GLU E 21 -0.56 34.73 -7.00
N ASP E 22 -1.63 33.97 -6.89
CA ASP E 22 -2.53 34.06 -5.78
C ASP E 22 -1.92 33.60 -4.49
N VAL E 23 -0.78 32.97 -4.59
CA VAL E 23 -0.28 32.19 -3.50
C VAL E 23 0.14 32.84 -2.21
N ARG E 24 0.90 33.92 -2.22
CA ARG E 24 1.35 34.49 -0.95
C ARG E 24 2.34 33.64 -0.18
N MET E 25 2.11 33.34 1.09
CA MET E 25 3.12 32.72 1.93
C MET E 25 3.05 31.22 2.08
N ILE E 26 4.20 30.57 2.18
CA ILE E 26 4.24 29.14 2.32
C ILE E 26 4.95 28.65 3.55
N SER E 27 4.27 27.87 4.33
CA SER E 27 4.85 27.29 5.53
C SER E 27 6.11 26.48 5.21
N ALA E 28 7.00 26.33 6.19
CA ALA E 28 8.23 25.60 5.95
C ALA E 28 8.00 24.10 5.80
N GLU E 29 6.97 23.57 6.47
CA GLU E 29 6.68 22.16 6.34
C GLU E 29 6.10 21.81 4.97
N ALA E 30 5.47 22.78 4.29
CA ALA E 30 4.75 22.47 3.06
C ALA E 30 5.64 21.89 1.97
N PRO E 31 6.77 22.52 1.58
CA PRO E 31 7.61 21.89 0.56
C PRO E 31 8.15 20.52 0.95
N ILE E 32 8.37 20.27 2.24
CA ILE E 32 8.81 18.95 2.66
C ILE E 32 7.69 17.95 2.47
N LEU E 33 6.47 18.36 2.79
CA LEU E 33 5.30 17.53 2.56
C LEU E 33 5.11 17.21 1.08
N PHE E 34 5.32 18.19 0.20
CA PHE E 34 5.21 17.98 -1.24
C PHE E 34 6.28 17.06 -1.77
N ALA E 35 7.50 17.16 -1.25
CA ALA E 35 8.57 16.28 -1.71
C ALA E 35 8.17 14.82 -1.58
N LYS E 36 7.59 14.44 -0.43
CA LYS E 36 7.16 13.05 -0.28
C LYS E 36 5.91 12.76 -1.14
N ALA E 37 4.97 13.71 -1.24
CA ALA E 37 3.73 13.49 -2.01
C ALA E 37 4.02 13.32 -3.50
N CYS E 38 4.95 14.13 -4.02
CA CYS E 38 5.38 13.99 -5.41
C CYS E 38 6.06 12.65 -5.64
N GLU E 39 6.86 12.20 -4.67
CA GLU E 39 7.36 10.85 -4.74
C GLU E 39 6.23 9.82 -4.89
N LEU E 40 5.22 9.86 -4.00
CA LEU E 40 4.13 8.88 -4.13
C LEU E 40 3.41 9.02 -5.47
N PHE E 41 3.20 10.26 -5.92
CA PHE E 41 2.52 10.48 -7.19
C PHE E 41 3.30 9.90 -8.36
N ILE E 42 4.61 10.11 -8.36
CA ILE E 42 5.44 9.58 -9.44
C ILE E 42 5.32 8.08 -9.46
N LEU E 43 5.35 7.46 -8.27
CA LEU E 43 5.29 6.01 -8.14
C LEU E 43 3.95 5.45 -8.63
N GLU E 44 2.83 6.06 -8.24
CA GLU E 44 1.54 5.57 -8.74
C GLU E 44 1.43 5.73 -10.26
N LEU E 45 1.73 6.93 -10.77
CA LEU E 45 1.71 7.15 -12.22
C LEU E 45 2.56 6.12 -12.94
N THR E 46 3.75 5.81 -12.41
CA THR E 46 4.64 4.89 -13.08
C THR E 46 4.08 3.47 -13.01
N ILE E 47 3.67 3.05 -11.82
CA ILE E 47 3.06 1.72 -11.63
C ILE E 47 1.96 1.48 -12.65
N ARG E 48 1.06 2.46 -12.82
CA ARG E 48 -0.06 2.24 -13.73
C ARG E 48 0.34 2.42 -15.19
N SER E 49 1.32 3.27 -15.49
CA SER E 49 1.81 3.29 -16.86
C SER E 49 2.48 1.97 -17.22
N TRP E 50 3.18 1.36 -16.26
CA TRP E 50 3.88 0.13 -16.57
C TRP E 50 2.89 -0.98 -16.91
N LEU E 51 1.71 -0.96 -16.28
CA LEU E 51 0.66 -1.91 -16.64
C LEU E 51 0.36 -1.86 -18.14
N HIS E 52 0.21 -0.67 -18.70
CA HIS E 52 -0.03 -0.55 -20.13
C HIS E 52 1.09 -1.17 -20.95
N ALA E 53 2.35 -0.89 -20.59
CA ALA E 53 3.46 -1.41 -21.38
C ALA E 53 3.51 -2.93 -21.33
N GLU E 54 3.08 -3.52 -20.23
CA GLU E 54 3.06 -4.98 -20.15
C GLU E 54 2.00 -5.56 -21.09
N GLU E 55 0.77 -5.05 -21.00
CA GLU E 55 -0.29 -5.47 -21.92
C GLU E 55 0.16 -5.46 -23.38
N ASN E 56 1.09 -4.57 -23.74
CA ASN E 56 1.65 -4.51 -25.08
C ASN E 56 3.01 -5.19 -25.16
N LYS E 57 3.31 -6.09 -24.22
CA LYS E 57 4.51 -6.93 -24.20
C LYS E 57 5.75 -6.18 -24.68
N ARG E 58 5.97 -4.99 -24.10
CA ARG E 58 7.25 -4.31 -24.21
C ARG E 58 7.85 -4.18 -22.81
N ARG E 59 9.17 -4.11 -22.74
CA ARG E 59 9.86 -3.89 -21.48
C ARG E 59 10.42 -2.48 -21.39
N THR E 60 9.92 -1.58 -22.23
CA THR E 60 10.30 -0.18 -22.21
C THR E 60 9.07 0.67 -21.94
N LEU E 61 9.19 1.57 -20.97
CA LEU E 61 8.10 2.49 -20.64
C LEU E 61 8.18 3.67 -21.59
N GLN E 62 7.08 3.91 -22.32
CA GLN E 62 7.01 4.93 -23.35
C GLN E 62 5.92 5.96 -23.02
N LYS E 63 5.99 7.09 -23.73
CA LYS E 63 5.06 8.19 -23.51
C LYS E 63 3.61 7.72 -23.56
N ASN E 64 3.30 6.80 -24.47
CA ASN E 64 1.90 6.43 -24.62
C ASN E 64 1.43 5.55 -23.47
N ASP E 65 2.34 4.92 -22.73
CA ASP E 65 1.97 4.24 -21.50
C ASP E 65 1.52 5.24 -20.43
N ILE E 66 2.27 6.33 -20.30
CA ILE E 66 1.85 7.38 -19.38
C ILE E 66 0.53 7.97 -19.85
N ALA E 67 0.39 8.17 -21.15
CA ALA E 67 -0.87 8.70 -21.66
C ALA E 67 -2.02 7.76 -21.32
N ALA E 68 -1.81 6.45 -21.43
CA ALA E 68 -2.91 5.54 -21.15
C ALA E 68 -3.27 5.54 -19.68
N ALA E 69 -2.27 5.66 -18.79
CA ALA E 69 -2.55 5.68 -17.35
C ALA E 69 -3.32 6.93 -16.96
N ILE E 70 -2.94 8.08 -17.53
CA ILE E 70 -3.68 9.30 -17.31
C ILE E 70 -5.12 9.15 -17.76
N THR E 71 -5.31 8.52 -18.93
CA THR E 71 -6.64 8.24 -19.44
C THR E 71 -7.39 7.28 -18.54
N ARG E 72 -6.72 6.23 -18.06
CA ARG E 72 -7.45 5.17 -17.36
C ARG E 72 -7.92 5.62 -15.98
N THR E 73 -7.17 6.50 -15.31
CA THR E 73 -7.46 6.75 -13.90
C THR E 73 -8.03 8.15 -13.76
N ASP E 74 -9.23 8.21 -13.20
CA ASP E 74 -9.99 9.44 -13.15
C ASP E 74 -9.24 10.55 -12.45
N ILE E 75 -8.64 10.27 -11.29
CA ILE E 75 -8.03 11.34 -10.53
C ILE E 75 -6.82 11.92 -11.27
N PHE E 76 -6.50 11.36 -12.43
CA PHE E 76 -5.50 11.99 -13.28
C PHE E 76 -6.12 12.84 -14.40
N ASP E 77 -7.45 12.98 -14.45
CA ASP E 77 -8.18 13.97 -15.26
C ASP E 77 -7.43 15.27 -15.50
N PHE E 78 -6.89 15.88 -14.45
CA PHE E 78 -6.30 17.21 -14.62
C PHE E 78 -5.12 17.19 -15.60
N LEU E 79 -4.53 16.02 -15.86
CA LEU E 79 -3.38 15.90 -16.75
C LEU E 79 -3.75 15.75 -18.24
N VAL E 80 -5.04 15.70 -18.57
CA VAL E 80 -5.53 15.40 -19.93
C VAL E 80 -4.83 16.23 -21.01
N ASP E 81 -4.40 17.45 -20.68
CA ASP E 81 -3.78 18.31 -21.69
C ASP E 81 -2.31 18.03 -21.93
N ILE E 82 -1.67 17.14 -21.17
CA ILE E 82 -0.22 17.05 -21.29
C ILE E 82 0.19 16.19 -22.47
N VAL E 83 -0.51 15.09 -22.71
CA VAL E 83 -0.33 14.32 -23.94
C VAL E 83 -1.64 14.36 -24.71
N PRO E 84 -1.84 15.32 -25.62
CA PRO E 84 -3.02 15.31 -26.47
C PRO E 84 -3.06 14.07 -27.37
N GLN E 108 -13.80 13.94 0.51
CA GLN E 108 -13.57 13.63 -0.89
C GLN E 108 -14.73 14.12 -1.70
N LEU E 109 -14.55 14.18 -3.00
CA LEU E 109 -15.48 14.91 -3.81
C LEU E 109 -16.23 14.05 -4.76
N SER E 110 -17.54 14.24 -4.80
CA SER E 110 -18.39 13.56 -5.75
C SER E 110 -17.77 13.61 -7.12
N PRO E 111 -17.94 12.57 -7.85
CA PRO E 111 -17.31 12.55 -9.20
C PRO E 111 -17.40 13.86 -9.94
N MET E 112 -18.49 14.62 -9.76
CA MET E 112 -18.77 15.81 -10.54
C MET E 112 -18.40 17.13 -9.83
N ASP E 113 -18.38 17.20 -8.50
CA ASP E 113 -17.78 18.39 -7.89
C ASP E 113 -16.27 18.44 -8.16
N ARG E 114 -15.60 17.28 -8.15
CA ARG E 114 -14.19 17.25 -8.50
C ARG E 114 -13.99 17.69 -9.94
N GLU E 115 -14.87 17.23 -10.83
CA GLU E 115 -14.85 17.66 -12.22
C GLU E 115 -14.88 19.17 -12.35
N ALA E 116 -15.67 19.86 -11.51
CA ALA E 116 -15.70 21.31 -11.60
C ALA E 116 -14.40 21.92 -11.08
N ARG E 117 -13.80 21.35 -10.03
CA ARG E 117 -12.51 21.85 -9.59
C ARG E 117 -11.42 21.59 -10.64
N VAL E 118 -11.54 20.50 -11.40
CA VAL E 118 -10.55 20.16 -12.42
C VAL E 118 -10.65 21.13 -13.58
N LEU E 119 -11.88 21.44 -14.01
CA LEU E 119 -12.11 22.37 -15.10
C LEU E 119 -11.64 23.80 -14.75
N ARG E 120 -12.02 24.31 -13.60
CA ARG E 120 -11.50 25.62 -13.21
C ARG E 120 -9.98 25.63 -13.17
N TYR E 121 -9.35 24.53 -12.73
CA TYR E 121 -7.88 24.48 -12.73
C TYR E 121 -7.34 24.48 -14.14
N ARG E 122 -7.92 23.69 -15.04
CA ARG E 122 -7.43 23.65 -16.41
C ARG E 122 -7.56 25.01 -17.08
N GLU E 123 -8.61 25.78 -16.76
CA GLU E 123 -8.77 27.10 -17.37
C GLU E 123 -7.81 28.12 -16.77
N LYS E 124 -7.43 27.96 -15.50
CA LYS E 124 -6.46 28.90 -14.96
C LYS E 124 -5.08 28.63 -15.54
N ARG E 125 -4.81 27.36 -15.90
CA ARG E 125 -3.51 26.99 -16.44
C ARG E 125 -3.16 27.75 -17.71
N LYS E 126 -4.13 28.07 -18.57
CA LYS E 126 -3.77 28.90 -19.71
C LYS E 126 -3.50 30.35 -19.31
N THR E 127 -3.98 30.77 -18.15
CA THR E 127 -3.67 32.09 -17.62
C THR E 127 -2.26 32.15 -17.02
N ASP F 6 14.19 24.79 -14.60
CA ASP F 6 13.28 25.87 -14.95
C ASP F 6 12.03 25.82 -14.07
N ARG F 7 10.90 25.38 -14.65
CA ARG F 7 9.63 25.25 -13.96
C ARG F 7 9.29 23.80 -13.67
N PHE F 8 10.28 22.93 -13.67
CA PHE F 8 10.08 21.50 -13.52
C PHE F 8 11.00 20.98 -12.45
N LEU F 9 10.65 19.85 -11.88
CA LEU F 9 11.64 19.24 -11.02
C LEU F 9 12.72 18.60 -11.88
N PRO F 10 13.93 18.43 -11.36
CA PRO F 10 15.02 17.93 -12.19
C PRO F 10 14.68 16.54 -12.70
N ILE F 11 14.82 16.35 -14.01
CA ILE F 11 14.49 15.08 -14.61
C ILE F 11 15.30 13.94 -14.00
N ALA F 12 16.47 14.21 -13.44
CA ALA F 12 17.27 13.11 -12.89
C ALA F 12 16.68 12.60 -11.58
N ASN F 13 16.08 13.47 -10.78
CA ASN F 13 15.36 12.99 -9.60
C ASN F 13 14.16 12.17 -10.01
N VAL F 14 13.37 12.69 -10.96
CA VAL F 14 12.15 12.01 -11.41
C VAL F 14 12.48 10.64 -11.96
N SER F 15 13.52 10.57 -12.78
CA SER F 15 14.00 9.30 -13.30
C SER F 15 14.33 8.32 -12.18
N ARG F 16 15.10 8.78 -11.19
CA ARG F 16 15.47 7.91 -10.08
C ARG F 16 14.22 7.32 -9.41
N ILE F 17 13.19 8.14 -9.21
CA ILE F 17 11.99 7.64 -8.55
C ILE F 17 11.21 6.71 -9.48
N MET F 18 11.20 6.98 -10.78
CA MET F 18 10.40 6.09 -11.62
C MET F 18 10.96 4.67 -11.58
N LYS F 19 12.30 4.55 -11.53
CA LYS F 19 12.91 3.21 -11.59
C LYS F 19 12.49 2.37 -10.40
N LYS F 20 12.39 2.99 -9.22
CA LYS F 20 11.98 2.27 -8.02
C LYS F 20 10.62 1.60 -8.18
N ALA F 21 9.74 2.15 -9.01
CA ALA F 21 8.44 1.57 -9.29
C ALA F 21 8.50 0.48 -10.36
N LEU F 22 9.67 0.13 -10.86
CA LEU F 22 9.79 -0.73 -12.01
C LEU F 22 10.79 -1.85 -11.73
N PRO F 23 10.69 -2.95 -12.45
CA PRO F 23 11.67 -4.02 -12.28
C PRO F 23 13.02 -3.64 -12.86
N ALA F 24 14.02 -4.43 -12.50
CA ALA F 24 15.35 -4.31 -13.12
C ALA F 24 15.28 -4.45 -14.64
N ASN F 25 14.52 -5.43 -15.15
CA ASN F 25 14.42 -5.65 -16.60
C ASN F 25 14.10 -4.35 -17.34
N ALA F 26 13.30 -3.48 -16.72
CA ALA F 26 12.67 -2.36 -17.40
C ALA F 26 13.65 -1.25 -17.74
N LYS F 27 13.38 -0.57 -18.86
CA LYS F 27 14.01 0.69 -19.20
C LYS F 27 12.94 1.71 -19.56
N ILE F 28 13.32 2.98 -19.55
CA ILE F 28 12.41 4.11 -19.67
C ILE F 28 12.83 5.00 -20.83
N SER F 29 11.86 5.40 -21.64
CA SER F 29 12.09 6.34 -22.73
C SER F 29 12.32 7.78 -22.23
N LYS F 30 13.12 8.54 -22.97
CA LYS F 30 13.33 9.94 -22.62
C LYS F 30 12.01 10.73 -22.58
N ASP F 31 11.16 10.55 -23.59
CA ASP F 31 9.90 11.29 -23.56
C ASP F 31 8.99 10.82 -22.41
N ALA F 32 9.11 9.57 -21.99
CA ALA F 32 8.35 9.15 -20.80
C ALA F 32 8.87 9.85 -19.55
N LYS F 33 10.18 10.09 -19.46
CA LYS F 33 10.67 10.84 -18.32
C LYS F 33 10.20 12.29 -18.39
N GLU F 34 10.20 12.86 -19.60
CA GLU F 34 9.77 14.24 -19.75
C GLU F 34 8.30 14.40 -19.38
N THR F 35 7.46 13.47 -19.83
CA THR F 35 6.05 13.53 -19.47
C THR F 35 5.86 13.48 -17.96
N VAL F 36 6.47 12.48 -17.29
CA VAL F 36 6.23 12.33 -15.86
C VAL F 36 6.66 13.59 -15.14
N GLN F 37 7.80 14.15 -15.55
CA GLN F 37 8.28 15.41 -15.02
C GLN F 37 7.22 16.52 -15.12
N GLU F 38 6.61 16.67 -16.30
CA GLU F 38 5.60 17.73 -16.41
C GLU F 38 4.36 17.43 -15.57
N CYS F 39 3.93 16.17 -15.52
CA CYS F 39 2.81 15.79 -14.65
C CYS F 39 3.12 16.08 -13.20
N VAL F 40 4.35 15.80 -12.76
CA VAL F 40 4.71 16.08 -11.39
C VAL F 40 4.53 17.55 -11.10
N SER F 41 4.92 18.39 -12.05
CA SER F 41 4.78 19.82 -11.80
C SER F 41 3.32 20.21 -11.78
N GLU F 42 2.51 19.70 -12.71
CA GLU F 42 1.10 20.06 -12.68
C GLU F 42 0.42 19.58 -11.40
N PHE F 43 0.85 18.42 -10.86
CA PHE F 43 0.33 17.94 -9.59
C PHE F 43 0.55 18.96 -8.49
N ILE F 44 1.75 19.55 -8.44
CA ILE F 44 2.02 20.59 -7.45
C ILE F 44 1.10 21.78 -7.66
N SER F 45 1.07 22.31 -8.89
CA SER F 45 0.18 23.42 -9.21
C SER F 45 -1.27 23.11 -8.86
N PHE F 46 -1.71 21.90 -9.19
CA PHE F 46 -3.09 21.48 -8.93
C PHE F 46 -3.38 21.51 -7.43
N ILE F 47 -2.59 20.77 -6.65
CA ILE F 47 -2.80 20.72 -5.19
C ILE F 47 -2.66 22.12 -4.60
N THR F 48 -1.62 22.84 -5.02
CA THR F 48 -1.41 24.16 -4.45
C THR F 48 -2.57 25.08 -4.76
N GLY F 49 -3.10 25.01 -5.98
CA GLY F 49 -4.27 25.77 -6.33
C GLY F 49 -5.43 25.62 -5.35
N GLU F 50 -5.89 24.40 -5.14
CA GLU F 50 -7.02 24.22 -4.24
C GLU F 50 -6.68 24.64 -2.82
N ALA F 51 -5.49 24.25 -2.32
CA ALA F 51 -5.10 24.67 -0.97
C ALA F 51 -5.05 26.19 -0.86
N SER F 52 -4.45 26.85 -1.85
CA SER F 52 -4.39 28.30 -1.81
C SER F 52 -5.79 28.91 -1.78
N ASP F 53 -6.71 28.30 -2.53
CA ASP F 53 -8.10 28.79 -2.53
C ASP F 53 -8.72 28.66 -1.15
N LYS F 54 -8.47 27.54 -0.48
CA LYS F 54 -9.02 27.37 0.87
C LYS F 54 -8.50 28.44 1.83
N CYS F 55 -7.25 28.88 1.66
CA CYS F 55 -6.68 29.85 2.59
C CYS F 55 -7.26 31.24 2.38
N GLN F 56 -7.52 31.61 1.14
CA GLN F 56 -8.14 32.90 0.89
C GLN F 56 -9.61 32.91 1.31
N ARG F 57 -10.31 31.79 1.17
CA ARG F 57 -11.63 31.67 1.79
C ARG F 57 -11.55 31.85 3.30
N GLU F 58 -10.47 31.37 3.92
CA GLU F 58 -10.35 31.39 5.37
C GLU F 58 -9.55 32.58 5.88
N LYS F 59 -9.35 33.59 5.03
CA LYS F 59 -8.72 34.86 5.41
C LYS F 59 -7.28 34.71 5.86
N ARG F 60 -6.75 33.49 5.87
CA ARG F 60 -5.34 33.24 6.16
C ARG F 60 -4.53 33.37 4.87
N LYS F 61 -3.22 33.56 5.02
CA LYS F 61 -2.37 33.83 3.87
C LYS F 61 -1.11 32.99 3.82
N THR F 62 -0.92 32.07 4.76
CA THR F 62 0.14 31.07 4.67
C THR F 62 -0.47 29.70 4.40
N ILE F 63 0.02 29.04 3.37
CA ILE F 63 -0.32 27.65 3.08
C ILE F 63 0.53 26.75 3.99
N ASN F 64 -0.14 25.94 4.80
CA ASN F 64 0.51 24.99 5.69
C ASN F 64 0.28 23.57 5.19
N GLY F 65 0.81 22.60 5.93
CA GLY F 65 0.67 21.22 5.53
C GLY F 65 -0.77 20.72 5.57
N ASP F 66 -1.53 21.12 6.58
CA ASP F 66 -2.92 20.68 6.65
C ASP F 66 -3.71 21.17 5.45
N ASP F 67 -3.34 22.33 4.89
CA ASP F 67 -3.98 22.81 3.67
C ASP F 67 -3.71 21.83 2.52
N LEU F 68 -2.43 21.57 2.25
CA LEU F 68 -2.06 20.59 1.24
C LEU F 68 -2.76 19.25 1.46
N LEU F 69 -2.75 18.72 2.68
CA LEU F 69 -3.40 17.43 2.89
C LEU F 69 -4.90 17.55 2.66
N TRP F 70 -5.50 18.67 3.03
CA TRP F 70 -6.92 18.85 2.77
C TRP F 70 -7.19 18.78 1.27
N ALA F 71 -6.32 19.42 0.48
CA ALA F 71 -6.51 19.46 -0.96
C ALA F 71 -6.37 18.08 -1.60
N MET F 72 -5.45 17.26 -1.11
CA MET F 72 -5.31 15.93 -1.71
C MET F 72 -6.56 15.08 -1.44
N THR F 73 -7.10 15.15 -0.23
CA THR F 73 -8.34 14.42 0.08
C THR F 73 -9.47 14.85 -0.84
N THR F 74 -9.66 16.16 -1.04
CA THR F 74 -10.80 16.55 -1.85
C THR F 74 -10.57 16.28 -3.33
N LEU F 75 -9.33 16.16 -3.77
CA LEU F 75 -9.06 15.97 -5.19
C LEU F 75 -8.87 14.51 -5.58
N GLY F 76 -9.07 13.57 -4.65
CA GLY F 76 -9.01 12.16 -4.97
C GLY F 76 -7.75 11.45 -4.55
N PHE F 77 -6.82 12.15 -3.89
CA PHE F 77 -5.54 11.54 -3.55
C PHE F 77 -5.49 11.09 -2.11
N GLU F 78 -6.61 10.58 -1.58
CA GLU F 78 -6.65 10.25 -0.15
C GLU F 78 -5.64 9.18 0.21
N ASP F 79 -5.34 8.27 -0.73
CA ASP F 79 -4.32 7.25 -0.48
C ASP F 79 -3.01 7.85 0.04
N TYR F 80 -2.69 9.09 -0.35
CA TYR F 80 -1.42 9.65 0.10
C TYR F 80 -1.47 10.20 1.53
N VAL F 81 -2.67 10.49 2.06
CA VAL F 81 -2.79 11.35 3.23
C VAL F 81 -2.23 10.65 4.47
N GLU F 82 -2.67 9.44 4.73
CA GLU F 82 -2.19 8.76 5.93
C GLU F 82 -0.69 8.56 5.92
N PRO F 83 -0.06 8.09 4.84
CA PRO F 83 1.41 7.98 4.89
C PRO F 83 2.08 9.33 5.00
N LEU F 84 1.47 10.37 4.43
CA LEU F 84 2.05 11.71 4.55
C LEU F 84 2.00 12.21 5.99
N LYS F 85 0.87 12.05 6.67
CA LYS F 85 0.81 12.35 8.10
C LYS F 85 1.92 11.64 8.86
N VAL F 86 2.05 10.32 8.69
CA VAL F 86 3.13 9.59 9.34
C VAL F 86 4.47 10.25 9.04
N TYR F 87 4.71 10.54 7.75
CA TYR F 87 6.00 11.10 7.35
C TYR F 87 6.25 12.46 8.00
N LEU F 88 5.22 13.31 8.03
CA LEU F 88 5.31 14.60 8.71
C LEU F 88 5.90 14.44 10.11
N GLN F 89 5.32 13.55 10.90
CA GLN F 89 5.65 13.49 12.32
C GLN F 89 6.99 12.80 12.56
N LYS F 90 7.31 11.74 11.83
CA LYS F 90 8.63 11.16 11.99
C LYS F 90 9.73 12.17 11.67
N TYR F 91 9.47 13.07 10.73
CA TYR F 91 10.30 14.24 10.51
C TYR F 91 10.23 15.25 11.67
N ARG F 92 9.26 15.09 12.58
CA ARG F 92 8.95 15.93 13.75
C ARG F 92 8.08 17.12 13.37
N GLU F 93 7.34 17.00 12.27
CA GLU F 93 6.51 18.06 11.68
C GLU F 93 7.29 19.35 11.39
#